data_3ZBQ
#
_entry.id   3ZBQ
#
_cell.length_a   43.494
_cell.length_b   66.243
_cell.length_c   52.581
_cell.angle_alpha   90.00
_cell.angle_beta   112.69
_cell.angle_gamma   90.00
#
_symmetry.space_group_name_H-M   'P 1 21 1'
#
loop_
_entity.id
_entity.type
_entity.pdbx_description
1 polymer PHIKZ039
2 non-polymer "GUANOSINE-5'-DIPHOSPHATE"
3 water water
#
_entity_poly.entity_id   1
_entity_poly.type   'polypeptide(L)'
_entity_poly.pdbx_seq_one_letter_code
;MMSKVKTRIYFCGGAGFRIGELFHGYHEDVCYIDTSVQNKHKHNTDDNTIIIEADTKLADQTARKRAIGMGKDRKAAAEL
ISAHIPAIAHHFPAGDTNIVVYSMGGASGSTIGPSLVSHLQQQGEVVVSVVIGSYDSDISLRNSSGSLKTFEGVSSVSKV
PMIINYHENVEGIPQSMVNQNILEVLNALVILFNQEHQSLDLMDITNWAHFHKHHDVPVQTVQLHVCFDRQEAQAILDPI
SIASLYTDPDRDVSISTVLTRTTGYADPEKYDFDQMHFVINGLSIEDIRKRLEERREMMNRAKANMRKRQSTLDVDDQAT
SSGLVFDHHHHHH
;
_entity_poly.pdbx_strand_id   A
#
loop_
_chem_comp.id
_chem_comp.type
_chem_comp.name
_chem_comp.formula
GDP RNA linking GUANOSINE-5'-DIPHOSPHATE 'C10 H15 N5 O11 P2'
#
# COMPACT_ATOMS: atom_id res chain seq x y z
N LYS A 4 19.26 1.29 13.68
CA LYS A 4 18.05 1.27 12.86
C LYS A 4 16.99 2.15 13.50
N VAL A 5 16.26 2.91 12.69
CA VAL A 5 15.14 3.66 13.23
C VAL A 5 14.04 2.68 13.63
N LYS A 6 13.16 3.08 14.55
CA LYS A 6 12.07 2.22 14.98
C LYS A 6 11.09 1.93 13.85
N THR A 7 10.71 2.97 13.12
CA THR A 7 9.78 2.81 12.01
C THR A 7 10.22 3.70 10.85
N ARG A 8 10.49 3.10 9.70
CA ARG A 8 10.73 3.86 8.47
C ARG A 8 9.45 3.86 7.66
N ILE A 9 9.01 5.03 7.22
CA ILE A 9 7.86 5.09 6.34
C ILE A 9 8.30 5.52 4.95
N TYR A 10 7.92 4.74 3.94
CA TYR A 10 8.25 5.02 2.55
C TYR A 10 7.00 5.49 1.82
N PHE A 11 6.98 6.77 1.44
CA PHE A 11 5.85 7.34 0.71
C PHE A 11 6.21 7.32 -0.78
N CYS A 12 5.43 6.58 -1.57
CA CYS A 12 5.77 6.33 -2.96
C CYS A 12 4.71 6.79 -3.94
N GLY A 13 5.15 7.48 -4.99
CA GLY A 13 4.26 7.98 -6.02
C GLY A 13 3.42 9.14 -5.51
N GLY A 14 2.51 9.64 -6.35
CA GLY A 14 1.70 10.80 -6.00
C GLY A 14 0.88 10.66 -4.74
N ALA A 15 0.10 9.58 -4.65
CA ALA A 15 -0.76 9.38 -3.51
C ALA A 15 0.10 9.31 -2.24
N GLY A 16 1.25 8.67 -2.35
CA GLY A 16 2.16 8.55 -1.21
C GLY A 16 2.67 9.90 -0.79
N PHE A 17 3.06 10.73 -1.77
CA PHE A 17 3.51 12.10 -1.48
C PHE A 17 2.44 12.94 -0.80
N ARG A 18 1.19 12.83 -1.27
CA ARG A 18 0.09 13.62 -0.72
C ARG A 18 -0.26 13.19 0.69
N ILE A 19 -0.31 11.89 0.92
CA ILE A 19 -0.55 11.37 2.26
C ILE A 19 0.59 11.80 3.19
N GLY A 20 1.82 11.72 2.70
CA GLY A 20 2.99 12.11 3.49
C GLY A 20 2.97 13.58 3.87
N GLU A 21 2.50 14.42 2.96
CA GLU A 21 2.40 15.84 3.26
C GLU A 21 1.38 16.07 4.36
N LEU A 22 0.27 15.34 4.32
CA LEU A 22 -0.76 15.45 5.36
C LEU A 22 -0.26 14.87 6.69
N PHE A 23 0.65 13.90 6.63
CA PHE A 23 1.11 13.17 7.81
C PHE A 23 2.30 13.85 8.45
N HIS A 24 2.79 14.91 7.83
CA HIS A 24 4.03 15.53 8.27
C HIS A 24 4.00 16.01 9.72
N GLY A 25 5.03 15.65 10.48
CA GLY A 25 5.10 16.03 11.87
C GLY A 25 4.64 14.92 12.81
N TYR A 26 3.99 13.91 12.25
CA TYR A 26 3.54 12.77 13.05
C TYR A 26 4.65 11.73 13.20
N HIS A 27 5.69 11.87 12.37
CA HIS A 27 6.81 10.93 12.43
C HIS A 27 8.00 11.50 11.68
N GLU A 28 9.18 11.42 12.27
CA GLU A 28 10.36 12.03 11.69
C GLU A 28 10.96 11.18 10.57
N ASP A 29 10.96 9.87 10.76
CA ASP A 29 11.72 8.97 9.88
C ASP A 29 10.92 8.55 8.67
N VAL A 30 10.64 9.51 7.80
CA VAL A 30 9.88 9.26 6.60
C VAL A 30 10.72 9.60 5.38
N CYS A 31 10.39 9.00 4.25
CA CYS A 31 11.10 9.29 3.01
C CYS A 31 10.16 9.15 1.84
N TYR A 32 10.58 9.73 0.71
CA TYR A 32 9.71 9.87 -0.44
C TYR A 32 10.41 9.42 -1.71
N ILE A 33 9.75 8.60 -2.50
CA ILE A 33 10.32 8.10 -3.75
C ILE A 33 9.28 8.24 -4.86
N ASP A 34 9.67 8.88 -5.96
CA ASP A 34 8.74 9.09 -7.07
C ASP A 34 9.51 9.18 -8.38
N THR A 35 8.77 9.33 -9.46
CA THR A 35 9.34 9.52 -10.80
C THR A 35 8.99 10.91 -11.32
N SER A 36 8.64 11.79 -10.39
CA SER A 36 8.07 13.09 -10.77
C SER A 36 8.51 14.17 -9.78
N VAL A 37 8.98 15.32 -10.29
CA VAL A 37 9.34 16.43 -9.41
C VAL A 37 8.11 17.27 -9.07
N GLN A 38 7.07 17.15 -9.90
CA GLN A 38 5.87 17.95 -9.71
C GLN A 38 5.18 17.64 -8.38
N ASN A 39 5.25 16.37 -7.96
CA ASN A 39 4.56 15.94 -6.74
C ASN A 39 5.23 16.41 -5.46
N LYS A 40 6.45 16.93 -5.60
CA LYS A 40 7.15 17.47 -4.46
C LYS A 40 6.37 18.62 -3.84
N HIS A 41 6.43 18.69 -2.50
CA HIS A 41 5.75 19.72 -1.75
C HIS A 41 6.72 20.30 -0.72
N LYS A 42 6.21 21.17 0.14
CA LYS A 42 7.06 21.92 1.08
C LYS A 42 7.87 21.03 2.03
N HIS A 43 7.42 19.80 2.25
CA HIS A 43 8.09 18.91 3.20
C HIS A 43 9.04 17.90 2.54
N ASN A 44 9.16 17.99 1.21
CA ASN A 44 10.18 17.21 0.50
C ASN A 44 11.51 17.95 0.54
N THR A 45 12.54 17.27 1.04
CA THR A 45 13.87 17.85 1.10
C THR A 45 14.84 17.02 0.25
N ASP A 46 16.05 17.54 0.06
CA ASP A 46 17.08 16.78 -0.64
C ASP A 46 17.47 15.56 0.16
N ASP A 47 17.28 15.63 1.47
CA ASP A 47 17.67 14.54 2.37
C ASP A 47 16.65 13.40 2.46
N ASN A 48 15.38 13.69 2.23
CA ASN A 48 14.34 12.68 2.43
C ASN A 48 13.61 12.22 1.16
N THR A 49 14.09 12.68 0.00
CA THR A 49 13.37 12.42 -1.25
C THR A 49 14.32 11.93 -2.33
N ILE A 50 13.90 10.88 -3.03
CA ILE A 50 14.61 10.42 -4.23
C ILE A 50 13.64 10.47 -5.39
N ILE A 51 14.00 11.24 -6.42
CA ILE A 51 13.22 11.30 -7.65
C ILE A 51 13.96 10.53 -8.75
N ILE A 52 13.29 9.53 -9.33
CA ILE A 52 13.92 8.68 -10.33
C ILE A 52 13.65 9.26 -11.70
N GLU A 53 14.70 9.76 -12.34
CA GLU A 53 14.53 10.42 -13.64
C GLU A 53 14.51 9.43 -14.80
N ALA A 54 13.76 9.76 -15.84
CA ALA A 54 13.72 8.94 -17.05
C ALA A 54 14.54 9.61 -18.14
N ASP A 55 15.13 8.82 -19.04
CA ASP A 55 15.84 9.35 -20.18
C ASP A 55 14.87 10.08 -21.09
N LYS A 65 16.53 13.87 -20.25
CA LYS A 65 16.59 13.37 -18.88
C LYS A 65 15.67 14.19 -17.96
N ARG A 66 14.51 13.63 -17.63
CA ARG A 66 13.48 14.36 -16.89
C ARG A 66 12.71 13.48 -15.91
N ALA A 67 11.90 14.14 -15.09
CA ALA A 67 11.05 13.43 -14.13
C ALA A 67 9.68 14.02 -14.20
N ILE A 68 8.86 13.48 -15.10
CA ILE A 68 7.53 14.04 -15.32
C ILE A 68 6.44 13.01 -15.09
N GLY A 69 6.74 12.01 -14.26
CA GLY A 69 5.77 10.98 -13.94
C GLY A 69 5.69 9.89 -14.99
N MET A 70 4.81 8.91 -14.75
CA MET A 70 4.64 7.78 -15.65
C MET A 70 3.22 7.71 -16.22
N GLY A 71 2.37 8.66 -15.84
CA GLY A 71 1.00 8.73 -16.33
C GLY A 71 0.24 7.41 -16.40
N LYS A 72 0.19 6.70 -15.28
CA LYS A 72 -0.54 5.43 -15.15
C LYS A 72 -0.04 4.28 -16.03
N ASP A 73 1.16 4.43 -16.58
CA ASP A 73 1.78 3.36 -17.36
C ASP A 73 2.61 2.49 -16.42
N ARG A 74 1.97 1.48 -15.84
CA ARG A 74 2.60 0.64 -14.83
C ARG A 74 3.80 -0.14 -15.37
N LYS A 75 3.70 -0.62 -16.62
CA LYS A 75 4.81 -1.37 -17.21
C LYS A 75 6.03 -0.50 -17.45
N ALA A 76 5.80 0.69 -18.02
CA ALA A 76 6.91 1.62 -18.21
C ALA A 76 7.55 2.01 -16.89
N ALA A 77 6.73 2.25 -15.87
CA ALA A 77 7.25 2.62 -14.57
C ALA A 77 8.13 1.51 -14.04
N ALA A 78 7.64 0.27 -14.14
CA ALA A 78 8.40 -0.87 -13.61
C ALA A 78 9.74 -1.03 -14.33
N GLU A 79 9.73 -0.84 -15.65
CA GLU A 79 10.97 -0.91 -16.44
C GLU A 79 11.98 0.10 -15.95
N LEU A 80 11.48 1.27 -15.59
CA LEU A 80 12.35 2.37 -15.20
C LEU A 80 12.91 2.12 -13.81
N ILE A 81 12.02 1.86 -12.85
CA ILE A 81 12.39 1.91 -11.45
C ILE A 81 13.05 0.66 -10.86
N SER A 82 12.81 -0.51 -11.46
CA SER A 82 13.23 -1.76 -10.82
C SER A 82 14.70 -1.85 -10.47
N ALA A 83 15.57 -1.42 -11.39
CA ALA A 83 17.01 -1.52 -11.16
C ALA A 83 17.53 -0.57 -10.09
N HIS A 84 16.71 0.43 -9.73
CA HIS A 84 17.14 1.44 -8.75
C HIS A 84 16.81 1.05 -7.31
N ILE A 85 15.98 0.03 -7.14
CA ILE A 85 15.48 -0.34 -5.81
C ILE A 85 16.57 -0.66 -4.75
N PRO A 86 17.59 -1.47 -5.11
CA PRO A 86 18.65 -1.70 -4.13
C PRO A 86 19.32 -0.41 -3.66
N ALA A 87 19.61 0.50 -4.57
CA ALA A 87 20.27 1.75 -4.19
C ALA A 87 19.37 2.54 -3.25
N ILE A 88 18.09 2.61 -3.59
CA ILE A 88 17.14 3.37 -2.81
C ILE A 88 17.03 2.78 -1.40
N ALA A 89 17.01 1.46 -1.34
CA ALA A 89 16.90 0.76 -0.05
C ALA A 89 18.18 0.96 0.77
N HIS A 90 19.29 1.14 0.07
CA HIS A 90 20.56 1.42 0.75
C HIS A 90 20.54 2.84 1.29
N HIS A 91 19.99 3.76 0.50
CA HIS A 91 19.90 5.17 0.85
C HIS A 91 18.98 5.44 2.03
N PHE A 92 17.84 4.74 2.07
CA PHE A 92 16.86 4.90 3.14
C PHE A 92 16.71 3.54 3.82
N PRO A 93 17.65 3.21 4.71
CA PRO A 93 17.68 1.83 5.24
C PRO A 93 16.43 1.49 6.04
N ALA A 94 16.08 0.20 6.03
CA ALA A 94 14.92 -0.31 6.74
C ALA A 94 14.95 0.02 8.22
N GLY A 95 13.76 0.26 8.79
CA GLY A 95 13.63 0.40 10.23
C GLY A 95 13.31 -0.94 10.88
N ASP A 96 13.20 -0.96 12.20
CA ASP A 96 12.74 -2.16 12.90
C ASP A 96 11.36 -2.58 12.38
N THR A 97 10.56 -1.59 12.02
CA THR A 97 9.29 -1.81 11.31
C THR A 97 9.28 -0.87 10.12
N ASN A 98 8.48 -1.20 9.10
CA ASN A 98 8.48 -0.43 7.87
C ASN A 98 7.09 -0.30 7.31
N ILE A 99 6.72 0.92 6.92
CA ILE A 99 5.41 1.16 6.38
C ILE A 99 5.60 1.77 5.01
N VAL A 100 4.97 1.17 4.01
CA VAL A 100 5.07 1.65 2.63
C VAL A 100 3.69 2.08 2.13
N VAL A 101 3.60 3.29 1.56
CA VAL A 101 2.32 3.92 1.25
C VAL A 101 2.24 4.30 -0.21
N TYR A 102 1.17 3.87 -0.89
CA TYR A 102 1.04 4.08 -2.35
C TYR A 102 -0.35 3.71 -2.88
N SER A 103 -0.71 4.26 -4.04
CA SER A 103 -1.96 3.88 -4.67
C SER A 103 -1.75 2.62 -5.51
N MET A 104 -2.84 1.89 -5.76
CA MET A 104 -2.79 0.72 -6.62
C MET A 104 -3.10 1.05 -8.09
N GLY A 105 -3.81 2.15 -8.32
CA GLY A 105 -4.29 2.45 -9.66
C GLY A 105 -3.37 3.32 -10.49
N GLY A 106 -2.30 3.80 -9.86
CA GLY A 106 -1.30 4.59 -10.54
C GLY A 106 -0.19 3.74 -11.10
N ALA A 107 0.93 4.37 -11.46
CA ALA A 107 2.05 3.69 -12.10
C ALA A 107 3.30 3.59 -11.22
N SER A 108 3.60 4.66 -10.51
CA SER A 108 4.87 4.76 -9.80
C SER A 108 4.77 4.19 -8.39
N GLY A 109 3.73 4.59 -7.66
CA GLY A 109 3.56 4.05 -6.32
C GLY A 109 3.33 2.56 -6.36
N SER A 110 2.57 2.11 -7.36
CA SER A 110 2.18 0.69 -7.45
C SER A 110 3.28 -0.22 -8.01
N THR A 111 4.44 0.35 -8.32
CA THR A 111 5.59 -0.44 -8.71
C THR A 111 6.74 -0.23 -7.72
N ILE A 112 7.06 1.04 -7.44
CA ILE A 112 8.07 1.36 -6.43
C ILE A 112 7.71 0.75 -5.07
N GLY A 113 6.47 0.92 -4.64
CA GLY A 113 6.03 0.44 -3.34
C GLY A 113 6.20 -1.05 -3.17
N PRO A 114 5.51 -1.83 -4.02
CA PRO A 114 5.66 -3.29 -3.93
C PRO A 114 7.08 -3.77 -4.18
N SER A 115 7.85 -3.08 -5.02
CA SER A 115 9.24 -3.45 -5.21
C SER A 115 10.06 -3.25 -3.95
N LEU A 116 9.80 -2.18 -3.22
CA LEU A 116 10.46 -1.96 -1.93
C LEU A 116 10.05 -3.01 -0.93
N VAL A 117 8.75 -3.35 -0.89
CA VAL A 117 8.27 -4.38 0.04
C VAL A 117 8.99 -5.70 -0.24
N SER A 118 9.10 -6.04 -1.52
CA SER A 118 9.76 -7.28 -1.92
C SER A 118 11.22 -7.29 -1.48
N HIS A 119 11.92 -6.21 -1.76
CA HIS A 119 13.33 -6.10 -1.39
C HIS A 119 13.49 -6.18 0.11
N LEU A 120 12.68 -5.41 0.84
CA LEU A 120 12.78 -5.39 2.30
C LEU A 120 12.49 -6.76 2.90
N GLN A 121 11.45 -7.42 2.39
CA GLN A 121 11.05 -8.72 2.93
C GLN A 121 12.09 -9.79 2.65
N GLN A 122 12.74 -9.70 1.50
CA GLN A 122 13.85 -10.61 1.20
C GLN A 122 15.04 -10.42 2.15
N GLN A 123 15.16 -9.23 2.75
CA GLN A 123 16.19 -8.97 3.76
C GLN A 123 15.76 -9.40 5.17
N GLY A 124 14.53 -9.90 5.31
CA GLY A 124 14.00 -10.30 6.60
C GLY A 124 13.27 -9.22 7.38
N GLU A 125 12.99 -8.08 6.73
CA GLU A 125 12.35 -6.97 7.44
C GLU A 125 10.85 -7.19 7.64
N VAL A 126 10.29 -6.43 8.59
CA VAL A 126 8.88 -6.42 8.89
C VAL A 126 8.26 -5.22 8.19
N VAL A 127 7.26 -5.48 7.36
CA VAL A 127 6.71 -4.48 6.46
C VAL A 127 5.18 -4.52 6.45
N VAL A 128 4.57 -3.34 6.46
CA VAL A 128 3.13 -3.23 6.22
C VAL A 128 2.91 -2.22 5.09
N SER A 129 1.98 -2.50 4.21
CA SER A 129 1.61 -1.54 3.16
C SER A 129 0.28 -0.89 3.45
N VAL A 130 0.20 0.41 3.21
CA VAL A 130 -1.08 1.12 3.27
C VAL A 130 -1.38 1.57 1.84
N VAL A 131 -2.44 1.03 1.26
CA VAL A 131 -2.69 1.14 -0.18
C VAL A 131 -4.09 1.61 -0.53
N ILE A 132 -4.25 2.15 -1.76
CA ILE A 132 -5.52 2.72 -2.22
C ILE A 132 -5.96 2.09 -3.54
N GLY A 133 -7.13 1.44 -3.54
CA GLY A 133 -7.66 0.86 -4.77
C GLY A 133 -8.49 1.89 -5.54
N SER A 134 -8.41 1.87 -6.86
CA SER A 134 -9.23 2.78 -7.68
C SER A 134 -9.58 2.14 -9.01
N TYR A 135 -10.58 2.69 -9.68
CA TYR A 135 -11.07 2.09 -10.90
C TYR A 135 -11.86 3.11 -11.71
N ASP A 136 -11.38 4.35 -11.71
CA ASP A 136 -12.09 5.43 -12.42
C ASP A 136 -11.95 5.38 -13.93
N SER A 137 -11.15 4.44 -14.43
CA SER A 137 -11.06 4.21 -15.87
C SER A 137 -10.55 2.81 -16.12
N ASP A 138 -10.58 2.38 -17.38
CA ASP A 138 -10.06 1.07 -17.75
C ASP A 138 -8.61 0.88 -17.31
N ILE A 139 -7.77 1.89 -17.57
CA ILE A 139 -6.34 1.78 -17.23
C ILE A 139 -6.10 1.71 -15.71
N SER A 140 -6.79 2.52 -14.93
CA SER A 140 -6.57 2.50 -13.48
C SER A 140 -7.13 1.23 -12.85
N LEU A 141 -8.21 0.69 -13.42
CA LEU A 141 -8.74 -0.59 -12.95
C LEU A 141 -7.76 -1.70 -13.30
N ARG A 142 -7.21 -1.65 -14.50
CA ARG A 142 -6.16 -2.58 -14.91
C ARG A 142 -4.97 -2.49 -13.95
N ASN A 143 -4.60 -1.27 -13.58
CA ASN A 143 -3.51 -1.07 -12.63
C ASN A 143 -3.82 -1.62 -11.26
N SER A 144 -5.03 -1.37 -10.76
CA SER A 144 -5.40 -1.87 -9.42
C SER A 144 -5.48 -3.40 -9.41
N SER A 145 -5.98 -3.99 -10.49
CA SER A 145 -6.00 -5.46 -10.60
C SER A 145 -4.59 -6.04 -10.63
N GLY A 146 -3.71 -5.41 -11.42
CA GLY A 146 -2.30 -5.81 -11.45
C GLY A 146 -1.64 -5.65 -10.10
N SER A 147 -1.96 -4.57 -9.39
CA SER A 147 -1.40 -4.37 -8.06
C SER A 147 -1.86 -5.44 -7.10
N LEU A 148 -3.11 -5.86 -7.20
CA LEU A 148 -3.61 -6.89 -6.29
C LEU A 148 -2.86 -8.20 -6.54
N LYS A 149 -2.70 -8.52 -7.83
CA LYS A 149 -1.92 -9.67 -8.24
C LYS A 149 -0.47 -9.54 -7.82
N THR A 150 0.06 -8.33 -7.88
CA THR A 150 1.43 -8.05 -7.45
C THR A 150 1.65 -8.42 -5.97
N PHE A 151 0.68 -8.09 -5.12
CA PHE A 151 0.79 -8.43 -3.69
C PHE A 151 1.00 -9.93 -3.52
N GLU A 152 0.31 -10.70 -4.34
CA GLU A 152 0.40 -12.15 -4.28
C GLU A 152 1.76 -12.61 -4.80
N GLY A 153 2.21 -11.97 -5.88
CA GLY A 153 3.52 -12.27 -6.45
C GLY A 153 4.66 -11.92 -5.52
N VAL A 154 4.56 -10.76 -4.86
CA VAL A 154 5.58 -10.35 -3.90
C VAL A 154 5.59 -11.28 -2.68
N SER A 155 4.40 -11.68 -2.22
CA SER A 155 4.32 -12.65 -1.12
C SER A 155 5.08 -13.91 -1.50
N SER A 156 4.84 -14.39 -2.71
CA SER A 156 5.46 -15.62 -3.19
C SER A 156 6.97 -15.50 -3.35
N VAL A 157 7.42 -14.44 -4.03
CA VAL A 157 8.83 -14.25 -4.32
C VAL A 157 9.67 -13.98 -3.07
N SER A 158 9.13 -13.17 -2.16
CA SER A 158 9.85 -12.84 -0.93
C SER A 158 9.66 -13.90 0.14
N LYS A 159 8.73 -14.82 -0.09
CA LYS A 159 8.44 -15.93 0.85
C LYS A 159 7.95 -15.46 2.20
N VAL A 160 7.30 -14.29 2.21
CA VAL A 160 6.78 -13.68 3.41
C VAL A 160 5.44 -13.09 3.02
N PRO A 161 4.37 -13.38 3.77
CA PRO A 161 3.06 -12.82 3.41
C PRO A 161 3.12 -11.30 3.35
N MET A 162 2.62 -10.73 2.25
CA MET A 162 2.60 -9.30 2.12
C MET A 162 1.35 -8.76 2.82
N ILE A 163 1.55 -7.89 3.79
CA ILE A 163 0.46 -7.37 4.59
C ILE A 163 -0.02 -6.04 4.00
N ILE A 164 -1.29 -5.99 3.63
CA ILE A 164 -1.84 -4.76 3.08
C ILE A 164 -3.00 -4.24 3.93
N ASN A 165 -2.95 -2.94 4.21
CA ASN A 165 -4.05 -2.22 4.83
C ASN A 165 -4.75 -1.48 3.70
N TYR A 166 -5.97 -1.93 3.37
CA TYR A 166 -6.62 -1.55 2.11
C TYR A 166 -7.68 -0.46 2.24
N HIS A 167 -7.64 0.51 1.33
CA HIS A 167 -8.61 1.58 1.29
C HIS A 167 -9.06 1.72 -0.13
N GLU A 168 -10.36 1.83 -0.32
CA GLU A 168 -10.89 1.98 -1.67
C GLU A 168 -11.33 3.40 -1.93
N ASN A 169 -10.90 3.96 -3.06
CA ASN A 169 -11.47 5.21 -3.55
C ASN A 169 -12.81 4.86 -4.16
N VAL A 170 -13.83 4.78 -3.32
CA VAL A 170 -15.18 4.48 -3.78
C VAL A 170 -15.61 5.61 -4.71
N GLU A 171 -15.98 5.24 -5.93
CA GLU A 171 -16.43 6.19 -6.93
C GLU A 171 -17.49 7.10 -6.32
N GLY A 172 -17.23 8.41 -6.32
CA GLY A 172 -18.17 9.37 -5.77
C GLY A 172 -17.82 9.92 -4.39
N ILE A 173 -17.01 9.18 -3.63
CA ILE A 173 -16.65 9.61 -2.28
C ILE A 173 -15.40 10.49 -2.33
N PRO A 174 -15.45 11.65 -1.65
CA PRO A 174 -14.31 12.57 -1.62
C PRO A 174 -13.04 11.86 -1.15
N GLN A 175 -11.94 12.01 -1.88
CA GLN A 175 -10.69 11.35 -1.49
C GLN A 175 -10.21 11.85 -0.13
N SER A 176 -10.63 13.06 0.24
CA SER A 176 -10.29 13.63 1.55
C SER A 176 -10.72 12.73 2.71
N MET A 177 -11.82 11.99 2.52
CA MET A 177 -12.28 11.06 3.57
C MET A 177 -11.43 9.82 3.66
N VAL A 178 -10.99 9.31 2.50
CA VAL A 178 -10.05 8.21 2.44
C VAL A 178 -8.72 8.63 3.06
N ASN A 179 -8.27 9.85 2.76
CA ASN A 179 -7.00 10.33 3.31
C ASN A 179 -7.04 10.39 4.82
N GLN A 180 -8.15 10.87 5.36
CA GLN A 180 -8.29 10.96 6.81
C GLN A 180 -8.25 9.57 7.46
N ASN A 181 -8.93 8.60 6.86
CA ASN A 181 -8.85 7.24 7.40
C ASN A 181 -7.43 6.70 7.35
N ILE A 182 -6.73 7.00 6.27
CA ILE A 182 -5.34 6.58 6.15
C ILE A 182 -4.44 7.20 7.22
N LEU A 183 -4.62 8.49 7.50
CA LEU A 183 -3.84 9.16 8.54
C LEU A 183 -4.08 8.51 9.89
N GLU A 184 -5.34 8.20 10.16
CA GLU A 184 -5.70 7.51 11.40
C GLU A 184 -4.94 6.19 11.51
N VAL A 185 -4.81 5.47 10.41
CA VAL A 185 -4.09 4.20 10.40
C VAL A 185 -2.59 4.40 10.61
N LEU A 186 -2.00 5.36 9.91
CA LEU A 186 -0.56 5.63 10.04
C LEU A 186 -0.24 6.06 11.47
N ASN A 187 -1.07 6.91 12.04
CA ASN A 187 -0.89 7.29 13.43
C ASN A 187 -0.94 6.09 14.36
N ALA A 188 -1.91 5.21 14.14
CA ALA A 188 -2.07 4.05 15.02
C ALA A 188 -0.86 3.13 14.89
N LEU A 189 -0.42 2.92 13.65
CA LEU A 189 0.71 2.05 13.39
C LEU A 189 2.00 2.57 14.03
N VAL A 190 2.24 3.88 13.88
CA VAL A 190 3.42 4.50 14.50
C VAL A 190 3.42 4.26 16.02
N ILE A 191 2.27 4.44 16.67
CA ILE A 191 2.14 4.12 18.10
C ILE A 191 2.43 2.64 18.38
N LEU A 192 1.81 1.75 17.62
CA LEU A 192 2.02 0.31 17.81
C LEU A 192 3.50 -0.06 17.78
N PHE A 193 4.24 0.58 16.87
CA PHE A 193 5.63 0.24 16.62
C PHE A 193 6.64 1.06 17.42
N ASN A 194 6.17 1.93 18.31
CA ASN A 194 7.08 2.91 18.92
C ASN A 194 8.01 2.35 20.02
N GLN A 195 7.81 1.07 20.35
CA GLN A 195 8.67 0.34 21.28
C GLN A 195 8.60 0.85 22.73
N GLU A 196 7.58 1.65 23.04
CA GLU A 196 7.40 2.19 24.40
C GLU A 196 6.44 1.41 25.29
N HIS A 197 5.83 0.35 24.77
CA HIS A 197 4.74 -0.30 25.49
C HIS A 197 5.22 -1.52 26.26
N GLN A 198 4.77 -1.62 27.51
CA GLN A 198 5.13 -2.73 28.39
C GLN A 198 4.68 -4.04 27.77
N SER A 199 5.57 -5.05 27.83
CA SER A 199 5.27 -6.40 27.39
C SER A 199 5.17 -6.56 25.89
N LEU A 200 5.47 -5.52 25.14
CA LEU A 200 5.46 -5.61 23.68
C LEU A 200 6.85 -5.38 23.10
N ASP A 201 7.56 -6.46 22.79
CA ASP A 201 8.95 -6.38 22.37
C ASP A 201 9.05 -6.33 20.86
N LEU A 202 10.26 -6.10 20.34
CA LEU A 202 10.41 -6.09 18.89
C LEU A 202 10.14 -7.46 18.24
N MET A 203 10.57 -8.55 18.86
CA MET A 203 10.29 -9.85 18.25
C MET A 203 8.80 -10.19 18.37
N ASP A 204 8.10 -9.62 19.35
CA ASP A 204 6.65 -9.82 19.44
C ASP A 204 5.97 -9.25 18.19
N ILE A 205 6.36 -8.03 17.82
CA ILE A 205 5.84 -7.39 16.61
C ILE A 205 6.32 -8.17 15.39
N THR A 206 7.59 -8.56 15.36
CA THR A 206 8.12 -9.34 14.24
C THR A 206 7.30 -10.61 13.98
N ASN A 207 7.02 -11.39 15.02
CA ASN A 207 6.29 -12.64 14.81
C ASN A 207 4.78 -12.49 14.66
N TRP A 208 4.27 -11.30 14.99
CA TRP A 208 2.90 -10.94 14.68
C TRP A 208 2.80 -10.77 13.16
N ALA A 209 3.76 -10.08 12.59
CA ALA A 209 3.78 -9.81 11.14
C ALA A 209 4.21 -11.06 10.37
N HIS A 210 5.19 -11.79 10.91
CA HIS A 210 5.73 -12.98 10.26
C HIS A 210 5.15 -14.27 10.86
N PHE A 211 3.83 -14.31 10.95
CA PHE A 211 3.11 -15.43 11.57
C PHE A 211 3.30 -16.74 10.81
N HIS A 212 3.76 -16.65 9.57
CA HIS A 212 3.94 -17.84 8.73
C HIS A 212 5.07 -18.71 9.26
N LYS A 213 5.90 -18.15 10.15
CA LYS A 213 7.02 -18.87 10.73
C LYS A 213 6.55 -19.97 11.67
N HIS A 214 5.30 -19.85 12.13
CA HIS A 214 4.81 -20.69 13.22
C HIS A 214 3.50 -21.40 12.92
N HIS A 215 2.94 -21.14 11.74
CA HIS A 215 1.64 -21.71 11.40
C HIS A 215 1.61 -22.22 9.98
N ASP A 216 0.86 -23.30 9.78
CA ASP A 216 0.70 -23.88 8.47
C ASP A 216 -0.35 -23.10 7.70
N VAL A 217 0.03 -21.91 7.24
CA VAL A 217 -0.84 -21.07 6.45
C VAL A 217 -0.19 -20.79 5.11
N PRO A 218 -1.00 -20.53 4.06
CA PRO A 218 -0.42 -20.23 2.76
C PRO A 218 0.39 -18.95 2.84
N VAL A 219 1.55 -18.91 2.20
CA VAL A 219 2.31 -17.68 2.10
C VAL A 219 1.72 -16.86 0.96
N GLN A 220 0.91 -15.88 1.31
CA GLN A 220 0.11 -15.14 0.34
C GLN A 220 -0.27 -13.79 0.92
N THR A 221 -0.95 -12.95 0.13
CA THR A 221 -1.37 -11.64 0.62
C THR A 221 -2.33 -11.79 1.79
N VAL A 222 -2.11 -10.98 2.82
CA VAL A 222 -3.05 -10.92 3.92
C VAL A 222 -3.47 -9.47 4.17
N GLN A 223 -4.60 -9.30 4.83
CA GLN A 223 -5.13 -7.96 5.03
C GLN A 223 -5.05 -7.52 6.49
N LEU A 224 -4.60 -6.28 6.70
CA LEU A 224 -4.49 -5.71 8.03
C LEU A 224 -5.65 -4.77 8.31
N HIS A 225 -6.36 -5.06 9.39
CA HIS A 225 -7.49 -4.24 9.83
C HIS A 225 -7.14 -3.52 11.12
N VAL A 226 -7.11 -2.19 11.08
CA VAL A 226 -6.87 -1.40 12.28
C VAL A 226 -8.20 -1.10 12.95
N CYS A 227 -8.40 -1.65 14.16
CA CYS A 227 -9.68 -1.57 14.84
C CYS A 227 -9.55 -0.75 16.12
N PHE A 228 -10.50 0.16 16.36
CA PHE A 228 -10.37 1.09 17.48
C PHE A 228 -11.22 0.75 18.71
N ASP A 229 -11.90 -0.40 18.66
CA ASP A 229 -12.54 -0.97 19.85
C ASP A 229 -12.66 -2.49 19.75
N ARG A 230 -13.14 -3.13 20.82
CA ARG A 230 -13.24 -4.59 20.85
C ARG A 230 -14.15 -5.10 19.76
N GLN A 231 -15.27 -4.42 19.58
CA GLN A 231 -16.30 -4.86 18.65
C GLN A 231 -15.85 -4.84 17.19
N GLU A 232 -15.00 -3.89 16.82
CA GLU A 232 -14.48 -3.83 15.45
C GLU A 232 -13.54 -4.99 15.17
N ALA A 233 -12.70 -5.32 16.15
CA ALA A 233 -11.79 -6.45 16.01
C ALA A 233 -12.57 -7.75 15.93
N GLN A 234 -13.63 -7.86 16.74
CA GLN A 234 -14.46 -9.06 16.79
C GLN A 234 -15.09 -9.41 15.44
N ALA A 235 -15.41 -8.38 14.66
CA ALA A 235 -16.09 -8.56 13.38
C ALA A 235 -15.19 -9.12 12.28
N ILE A 236 -13.88 -9.11 12.50
CA ILE A 236 -12.96 -9.62 11.50
C ILE A 236 -13.03 -11.15 11.43
N LEU A 237 -13.36 -11.66 10.25
CA LEU A 237 -13.52 -13.09 10.00
C LEU A 237 -12.19 -13.84 9.92
N ASP A 238 -12.15 -15.03 10.52
CA ASP A 238 -10.98 -15.90 10.47
C ASP A 238 -9.64 -15.17 10.72
N PRO A 239 -9.52 -14.49 11.88
CA PRO A 239 -8.27 -13.75 12.11
C PRO A 239 -7.07 -14.69 12.23
N ILE A 240 -5.96 -14.30 11.62
CA ILE A 240 -4.73 -15.09 11.68
C ILE A 240 -3.81 -14.63 12.82
N SER A 241 -3.55 -13.33 12.86
CA SER A 241 -2.58 -12.77 13.79
C SER A 241 -3.07 -11.42 14.31
N ILE A 242 -3.08 -11.26 15.63
CA ILE A 242 -3.57 -10.02 16.21
C ILE A 242 -2.59 -9.41 17.19
N ALA A 243 -2.38 -8.10 17.06
CA ALA A 243 -1.63 -7.34 18.05
C ALA A 243 -2.57 -6.35 18.73
N SER A 244 -2.62 -6.39 20.06
CA SER A 244 -3.55 -5.53 20.79
C SER A 244 -2.82 -4.62 21.78
N LEU A 245 -3.25 -3.37 21.85
CA LEU A 245 -2.78 -2.43 22.87
C LEU A 245 -3.91 -2.07 23.83
N TYR A 246 -3.62 -2.11 25.13
CA TYR A 246 -4.57 -1.68 26.15
C TYR A 246 -3.92 -0.62 27.03
N THR A 247 -4.68 0.39 27.45
CA THR A 247 -4.17 1.33 28.44
C THR A 247 -4.44 0.78 29.83
N ASP A 248 -5.40 -0.13 29.92
CA ASP A 248 -5.68 -0.85 31.16
C ASP A 248 -5.39 -2.34 30.99
N PRO A 249 -4.32 -2.83 31.64
CA PRO A 249 -3.85 -4.21 31.52
C PRO A 249 -4.93 -5.21 31.91
N ASP A 250 -5.82 -4.80 32.82
CA ASP A 250 -6.89 -5.66 33.29
C ASP A 250 -7.89 -5.98 32.18
N ARG A 251 -7.86 -5.20 31.11
CA ARG A 251 -8.75 -5.40 29.95
C ARG A 251 -8.16 -6.33 28.89
N ASP A 252 -6.97 -6.84 29.14
CA ASP A 252 -6.33 -7.75 28.19
C ASP A 252 -7.11 -9.07 28.21
N VAL A 253 -7.99 -9.23 27.22
CA VAL A 253 -8.79 -10.44 27.06
C VAL A 253 -8.83 -10.83 25.59
N SER A 254 -8.48 -12.07 25.28
CA SER A 254 -8.50 -12.55 23.90
C SER A 254 -9.91 -12.40 23.31
N ILE A 255 -9.98 -11.92 22.07
CA ILE A 255 -11.26 -11.61 21.47
C ILE A 255 -11.93 -12.84 20.85
N SER A 256 -11.23 -13.50 19.93
CA SER A 256 -11.72 -14.72 19.32
C SER A 256 -10.54 -15.65 19.08
N THR A 257 -10.83 -16.88 18.69
CA THR A 257 -9.80 -17.85 18.30
C THR A 257 -8.89 -17.22 17.23
N VAL A 258 -7.58 -17.35 17.42
CA VAL A 258 -6.62 -16.70 16.55
C VAL A 258 -5.31 -17.48 16.61
N LEU A 259 -4.52 -17.43 15.54
CA LEU A 259 -3.31 -18.26 15.49
C LEU A 259 -2.16 -17.68 16.31
N THR A 260 -1.91 -16.38 16.12
CA THR A 260 -0.91 -15.66 16.90
C THR A 260 -1.56 -14.43 17.56
N ARG A 261 -1.27 -14.22 18.84
CA ARG A 261 -1.74 -13.02 19.54
C ARG A 261 -0.59 -12.42 20.33
N THR A 262 -0.45 -11.11 20.23
CA THR A 262 0.52 -10.42 21.07
C THR A 262 -0.12 -9.16 21.63
N THR A 263 0.24 -8.78 22.85
CA THR A 263 -0.37 -7.61 23.48
C THR A 263 0.67 -6.67 24.06
N GLY A 264 0.33 -5.38 24.13
CA GLY A 264 1.18 -4.41 24.78
C GLY A 264 0.38 -3.52 25.70
N TYR A 265 1.00 -2.98 26.73
CA TYR A 265 0.31 -2.11 27.68
C TYR A 265 0.78 -0.68 27.51
N ALA A 266 -0.09 0.16 26.94
CA ALA A 266 0.23 1.54 26.65
C ALA A 266 0.04 2.41 27.89
N ASP A 267 0.90 3.39 28.06
CA ASP A 267 0.86 4.33 29.19
C ASP A 267 -0.48 5.05 29.27
N PRO A 268 -1.32 4.72 30.28
CA PRO A 268 -2.65 5.32 30.35
C PRO A 268 -2.60 6.80 30.68
N GLU A 269 -1.45 7.25 31.18
CA GLU A 269 -1.24 8.65 31.49
C GLU A 269 -1.02 9.43 30.21
N LYS A 270 -0.36 8.80 29.24
CA LYS A 270 -0.10 9.44 27.95
C LYS A 270 -1.25 9.26 26.98
N TYR A 271 -1.86 8.07 26.98
CA TYR A 271 -2.78 7.71 25.91
C TYR A 271 -4.27 7.73 26.29
N ASP A 272 -5.07 8.40 25.48
CA ASP A 272 -6.51 8.55 25.73
C ASP A 272 -7.29 7.59 24.83
N PHE A 273 -6.81 6.35 24.71
CA PHE A 273 -7.61 5.32 24.06
C PHE A 273 -7.77 4.15 25.02
N ASP A 274 -8.86 3.43 24.88
CA ASP A 274 -9.09 2.25 25.69
C ASP A 274 -8.26 1.11 25.11
N GLN A 275 -8.51 0.77 23.85
CA GLN A 275 -7.75 -0.29 23.21
C GLN A 275 -7.68 -0.12 21.69
N MET A 276 -6.63 -0.68 21.10
CA MET A 276 -6.50 -0.72 19.64
C MET A 276 -6.08 -2.12 19.23
N HIS A 277 -6.61 -2.59 18.11
CA HIS A 277 -6.29 -3.93 17.63
C HIS A 277 -5.83 -3.89 16.20
N PHE A 278 -4.79 -4.66 15.90
CA PHE A 278 -4.25 -4.68 14.56
C PHE A 278 -4.39 -6.11 14.09
N VAL A 279 -5.44 -6.34 13.31
CA VAL A 279 -5.89 -7.71 13.04
C VAL A 279 -5.55 -8.11 11.63
N ILE A 280 -4.76 -9.18 11.48
CA ILE A 280 -4.40 -9.68 10.17
C ILE A 280 -5.25 -10.92 9.84
N ASN A 281 -5.93 -10.89 8.70
CA ASN A 281 -6.62 -12.09 8.20
C ASN A 281 -6.33 -12.29 6.72
N GLY A 282 -6.80 -13.39 6.15
CA GLY A 282 -6.55 -13.65 4.75
C GLY A 282 -7.80 -13.53 3.92
N LEU A 283 -8.94 -13.84 4.55
CA LEU A 283 -10.20 -13.95 3.81
C LEU A 283 -10.62 -12.66 3.12
N SER A 284 -10.36 -11.53 3.78
CA SER A 284 -10.86 -10.24 3.30
C SER A 284 -10.27 -9.87 1.94
N ILE A 285 -9.11 -10.42 1.62
CA ILE A 285 -8.49 -10.18 0.30
C ILE A 285 -9.43 -10.58 -0.84
N GLU A 286 -10.19 -11.65 -0.63
CA GLU A 286 -11.17 -12.10 -1.62
C GLU A 286 -12.21 -11.04 -1.96
N ASP A 287 -12.59 -10.23 -0.98
CA ASP A 287 -13.55 -9.16 -1.23
C ASP A 287 -13.02 -8.11 -2.21
N ILE A 288 -11.73 -7.80 -2.09
CA ILE A 288 -11.07 -6.91 -3.03
C ILE A 288 -11.04 -7.53 -4.43
N ARG A 289 -10.66 -8.79 -4.50
CA ARG A 289 -10.56 -9.49 -5.78
C ARG A 289 -11.92 -9.50 -6.49
N LYS A 290 -12.95 -9.86 -5.72
CA LYS A 290 -14.32 -9.91 -6.23
C LYS A 290 -14.80 -8.53 -6.73
N ARG A 291 -14.47 -7.49 -5.96
CA ARG A 291 -14.88 -6.13 -6.31
C ARG A 291 -14.24 -5.67 -7.61
N LEU A 292 -12.96 -5.98 -7.80
CA LEU A 292 -12.27 -5.56 -9.01
C LEU A 292 -12.73 -6.40 -10.20
N GLU A 293 -13.01 -7.67 -9.95
CA GLU A 293 -13.52 -8.57 -10.98
C GLU A 293 -14.84 -8.03 -11.54
N GLU A 294 -15.73 -7.62 -10.64
CA GLU A 294 -17.02 -7.07 -11.06
C GLU A 294 -16.85 -5.78 -11.84
N ARG A 295 -15.95 -4.91 -11.41
CA ARG A 295 -15.70 -3.68 -12.17
C ARG A 295 -15.13 -4.04 -13.54
N ARG A 296 -14.27 -5.04 -13.60
CA ARG A 296 -13.69 -5.48 -14.86
C ARG A 296 -14.75 -6.05 -15.80
N GLU A 297 -15.69 -6.82 -15.25
CA GLU A 297 -16.80 -7.34 -16.06
C GLU A 297 -17.65 -6.22 -16.66
N MET A 298 -17.90 -5.17 -15.89
CA MET A 298 -18.61 -4.00 -16.43
C MET A 298 -17.79 -3.29 -17.51
N MET A 299 -16.50 -3.08 -17.25
CA MET A 299 -15.62 -2.37 -18.18
C MET A 299 -15.50 -3.10 -19.52
N ASN A 300 -15.31 -4.42 -19.48
CA ASN A 300 -15.22 -5.20 -20.72
C ASN A 300 -16.53 -5.17 -21.51
N ARG A 301 -17.64 -5.21 -20.81
CA ARG A 301 -18.96 -5.09 -21.42
C ARG A 301 -19.05 -3.75 -22.17
N ALA A 302 -18.68 -2.67 -21.47
CA ALA A 302 -18.74 -1.34 -22.06
C ALA A 302 -17.83 -1.20 -23.27
N LYS A 303 -16.59 -1.66 -23.13
CA LYS A 303 -15.62 -1.67 -24.23
C LYS A 303 -16.20 -2.35 -25.46
N ALA A 304 -16.65 -3.58 -25.29
CA ALA A 304 -17.19 -4.38 -26.39
C ALA A 304 -18.39 -3.71 -27.09
N ASN A 305 -19.08 -2.84 -26.38
CA ASN A 305 -20.24 -2.16 -26.95
C ASN A 305 -19.95 -0.79 -27.55
N MET A 306 -18.69 -0.36 -27.50
CA MET A 306 -18.32 0.91 -28.13
C MET A 306 -18.44 0.79 -29.64
N ARG A 307 -19.09 1.78 -30.27
CA ARG A 307 -19.25 1.80 -31.72
C ARG A 307 -17.95 2.15 -32.42
N LYS A 308 -17.62 1.40 -33.46
CA LYS A 308 -16.44 1.74 -34.25
C LYS A 308 -16.85 2.29 -35.62
N ARG A 309 -16.47 3.54 -35.86
CA ARG A 309 -16.84 4.20 -37.11
C ARG A 309 -16.05 3.66 -38.31
N GLN A 310 -16.55 3.90 -39.52
CA GLN A 310 -15.79 3.60 -40.72
C GLN A 310 -14.61 4.57 -40.82
N SER A 311 -13.55 4.17 -41.53
CA SER A 311 -12.44 5.07 -41.79
C SER A 311 -12.94 6.22 -42.66
N THR A 312 -12.35 7.39 -42.50
CA THR A 312 -12.68 8.49 -43.39
C THR A 312 -11.90 8.35 -44.70
N LEU A 313 -11.03 7.35 -44.78
CA LEU A 313 -10.31 7.09 -46.02
C LEU A 313 -11.03 6.07 -46.92
N ASP A 314 -11.07 6.38 -48.22
CA ASP A 314 -11.53 5.46 -49.26
C ASP A 314 -10.35 4.64 -49.78
N VAL A 315 -10.63 3.49 -50.39
CA VAL A 315 -9.57 2.67 -50.97
C VAL A 315 -8.92 3.40 -52.15
N ASP A 316 -9.69 4.30 -52.77
CA ASP A 316 -9.20 5.11 -53.88
C ASP A 316 -8.40 6.34 -53.43
N ASP A 317 -8.20 6.50 -52.13
CA ASP A 317 -7.47 7.66 -51.64
C ASP A 317 -5.96 7.47 -51.73
N GLN A 318 -5.23 8.58 -51.83
CA GLN A 318 -3.78 8.58 -51.83
C GLN A 318 -3.25 9.49 -50.74
N ALA A 319 -2.17 9.09 -50.08
CA ALA A 319 -1.53 9.93 -49.06
C ALA A 319 -0.08 10.26 -49.42
N THR A 320 0.35 11.48 -49.10
CA THR A 320 1.77 11.83 -49.23
C THR A 320 2.55 11.22 -48.08
N SER A 321 3.88 11.31 -48.14
CA SER A 321 4.71 10.68 -47.12
C SER A 321 4.45 11.24 -45.73
N SER A 322 3.85 12.44 -45.65
CA SER A 322 3.52 13.06 -44.37
C SER A 322 2.09 12.75 -43.91
N GLY A 323 1.28 12.20 -44.81
CA GLY A 323 -0.11 11.89 -44.49
C GLY A 323 -1.13 12.82 -45.10
N LEU A 324 -0.68 13.79 -45.92
CA LEU A 324 -1.62 14.69 -46.59
C LEU A 324 -2.43 13.92 -47.63
N VAL A 325 -3.75 14.16 -47.64
CA VAL A 325 -4.64 13.53 -48.59
C VAL A 325 -5.45 14.62 -49.29
N PHE A 326 -5.56 14.52 -50.62
CA PHE A 326 -6.37 15.49 -51.36
C PHE A 326 -7.63 14.82 -51.92
N ASP A 327 -8.77 15.49 -51.74
CA ASP A 327 -10.04 14.95 -52.20
C ASP A 327 -10.16 15.18 -53.70
PB GDP B . 1.41 7.44 -9.23
O1B GDP B . 2.15 8.73 -8.98
O2B GDP B . 1.71 6.44 -8.12
O3B GDP B . 1.76 6.84 -10.57
O3A GDP B . -0.18 7.66 -9.24
PA GDP B . -1.02 8.55 -8.19
O1A GDP B . -0.69 10.03 -8.16
O2A GDP B . -0.94 7.94 -6.81
O5' GDP B . -2.50 8.40 -8.77
C5' GDP B . -3.08 7.12 -8.98
C4' GDP B . -4.48 7.09 -8.36
O4' GDP B . -4.37 7.16 -6.94
C3' GDP B . -5.34 8.29 -8.74
O3' GDP B . -6.04 8.02 -9.97
C2' GDP B . -6.27 8.41 -7.57
O2' GDP B . -7.34 7.47 -7.71
C1' GDP B . -5.46 7.90 -6.40
N9 GDP B . -4.88 8.99 -5.59
C8 GDP B . -3.88 9.81 -5.92
N7 GDP B . -3.60 10.68 -4.90
C5 GDP B . -4.46 10.40 -3.89
C6 GDP B . -4.73 10.91 -2.53
O6 GDP B . -4.06 11.86 -2.05
N1 GDP B . -5.71 10.31 -1.84
C2 GDP B . -6.44 9.30 -2.32
N2 GDP B . -7.42 8.73 -1.57
N3 GDP B . -6.25 8.78 -3.55
C4 GDP B . -5.28 9.28 -4.36
#